data_8F4U
#
_entry.id   8F4U
#
_cell.length_a   175.306
_cell.length_b   175.306
_cell.length_c   123.351
_cell.angle_alpha   90.00
_cell.angle_beta   90.00
_cell.angle_gamma   120.00
#
_symmetry.space_group_name_H-M   'H 3 2'
#
loop_
_entity.id
_entity.type
_entity.pdbx_description
1 polymer 'N-acetyltransferase Eis'
2 non-polymer 4-[(4-chlorophenyl)methyl]-2-[(4S)-1-methylazepan-4-yl]phthalazin-1(2H)-one
3 non-polymer GLYCEROL
4 non-polymer DI(HYDROXYETHYL)ETHER
5 non-polymer 'DIMETHYL SULFOXIDE'
6 non-polymer 'SULFATE ION'
7 water water
#
_entity_poly.entity_id   1
_entity_poly.type   'polypeptide(L)'
_entity_poly.pdbx_seq_one_letter_code
;MGSSHHHHHHSSGLVPRGSHMTVTLCSPTEDDWPGMFLLAAASFTDFIGPESATAWRTLVPTDGAVVVRDGAGPGSEVVG
MALYMDLRLTVPGEVVLPTAGLSFVAVAPTHRRRGLLRAMCAELHRRIADSGYPVAALHASEGGIYGRFGYGPATTLHEL
TVDRRFARFHADAPGGGLGGSSVRLVRPTEHRGEFEAIYERWRQQVPGGLLRPQVLWDELLAEAKAAPGGDRESFALLHP
DGYALYRVDRTDLKLARVSELRAVTADAHCALWRALIGLDSMERISIITHPQDPLPHLLTDTRLARTTWRQDGLWLRIMN
VPAALEARGYAHEVGEFSTVLEVSDGGRFALKIGDGRARCTPTDAAAEIEMDRDVLGSLYLGAHRASTLAAANRLRTKDS
QLLRRLDAAFASDVPVQTAFEF
;
_entity_poly.pdbx_strand_id   A
#
loop_
_chem_comp.id
_chem_comp.type
_chem_comp.name
_chem_comp.formula
DMS non-polymer 'DIMETHYL SULFOXIDE' 'C2 H6 O S'
GOL non-polymer GLYCEROL 'C3 H8 O3'
PEG non-polymer DI(HYDROXYETHYL)ETHER 'C4 H10 O3'
SO4 non-polymer 'SULFATE ION' 'O4 S -2'
XG0 non-polymer 4-[(4-chlorophenyl)methyl]-2-[(4S)-1-methylazepan-4-yl]phthalazin-1(2H)-one 'C22 H24 Cl N3 O'
#
# COMPACT_ATOMS: atom_id res chain seq x y z
N VAL A 23 34.54 -2.68 -1.66
CA VAL A 23 33.06 -2.52 -1.90
C VAL A 23 32.61 -3.61 -2.87
N THR A 24 32.00 -4.68 -2.38
CA THR A 24 31.44 -5.78 -3.22
C THR A 24 29.95 -6.01 -2.90
N LEU A 25 29.15 -6.40 -3.90
CA LEU A 25 27.71 -6.69 -3.73
C LEU A 25 27.39 -8.20 -3.81
N CYS A 26 26.83 -8.83 -2.78
CA CYS A 26 26.63 -10.30 -2.67
C CYS A 26 25.27 -10.56 -2.05
N SER A 27 24.71 -11.75 -2.24
CA SER A 27 23.65 -12.32 -1.38
C SER A 27 24.27 -12.56 -0.02
N PRO A 28 23.63 -12.16 1.09
CA PRO A 28 24.22 -12.42 2.40
C PRO A 28 24.24 -13.90 2.78
N THR A 29 25.29 -14.29 3.52
CA THR A 29 25.35 -15.57 4.27
C THR A 29 24.79 -15.32 5.66
N GLU A 30 24.53 -16.39 6.40
CA GLU A 30 24.04 -16.27 7.80
C GLU A 30 24.97 -15.35 8.60
N ASP A 31 26.27 -15.32 8.26
CA ASP A 31 27.33 -14.56 8.96
C ASP A 31 27.10 -13.05 8.78
N ASP A 32 26.33 -12.66 7.78
CA ASP A 32 26.12 -11.25 7.41
C ASP A 32 24.99 -10.65 8.23
N TRP A 33 24.11 -11.46 8.80
CA TRP A 33 22.83 -10.97 9.38
C TRP A 33 23.07 -10.10 10.64
N PRO A 34 24.01 -10.41 11.56
CA PRO A 34 24.29 -9.50 12.68
C PRO A 34 24.69 -8.09 12.22
N GLY A 35 25.53 -7.96 11.18
CA GLY A 35 25.91 -6.67 10.56
C GLY A 35 24.72 -5.97 9.91
N MET A 36 23.82 -6.75 9.29
CA MET A 36 22.54 -6.22 8.71
C MET A 36 21.63 -5.69 9.82
N PHE A 37 21.50 -6.42 10.93
CA PHE A 37 20.68 -5.97 12.09
C PHE A 37 21.30 -4.73 12.76
N LEU A 38 22.63 -4.59 12.83
CA LEU A 38 23.27 -3.34 13.33
C LEU A 38 22.92 -2.16 12.39
N LEU A 39 23.10 -2.33 11.09
CA LEU A 39 22.72 -1.30 10.11
C LEU A 39 21.21 -0.97 10.27
N ALA A 40 20.37 -1.97 10.52
CA ALA A 40 18.90 -1.80 10.62
C ALA A 40 18.57 -0.91 11.85
N ALA A 41 19.09 -1.32 13.00
CA ALA A 41 18.94 -0.57 14.28
C ALA A 41 19.37 0.90 14.10
N ALA A 42 20.43 1.15 13.38
CA ALA A 42 20.99 2.52 13.21
C ALA A 42 20.18 3.28 12.18
N SER A 43 19.42 2.60 11.32
CA SER A 43 18.75 3.25 10.16
C SER A 43 17.25 3.44 10.44
N PHE A 44 16.63 2.54 11.21
CA PHE A 44 15.15 2.49 11.37
C PHE A 44 14.77 2.58 12.87
N THR A 45 14.08 3.64 13.26
CA THR A 45 13.79 3.89 14.71
C THR A 45 12.82 2.81 15.24
N ASP A 46 11.92 2.28 14.40
CA ASP A 46 11.01 1.12 14.75
C ASP A 46 11.76 -0.20 14.93
N PHE A 47 13.00 -0.35 14.47
CA PHE A 47 13.69 -1.67 14.53
C PHE A 47 14.26 -1.87 15.93
N ILE A 48 13.59 -2.66 16.77
CA ILE A 48 13.97 -2.92 18.20
C ILE A 48 15.26 -3.77 18.24
N GLY A 49 15.26 -5.00 17.71
CA GLY A 49 16.45 -5.88 17.61
C GLY A 49 16.19 -7.12 16.76
N PRO A 50 17.13 -8.11 16.69
CA PRO A 50 17.03 -9.26 15.78
C PRO A 50 15.69 -10.00 15.69
N GLU A 51 14.99 -10.16 16.81
CA GLU A 51 13.64 -10.80 16.86
C GLU A 51 12.63 -9.95 16.07
N SER A 52 12.87 -8.63 15.93
CA SER A 52 12.13 -7.66 15.04
C SER A 52 11.92 -8.23 13.61
N ALA A 53 12.84 -9.07 13.14
CA ALA A 53 13.05 -9.44 11.72
C ALA A 53 12.56 -10.88 11.42
N THR A 54 12.53 -11.76 12.42
CA THR A 54 12.23 -13.23 12.29
C THR A 54 11.00 -13.48 11.41
N ALA A 55 9.87 -12.90 11.77
CA ALA A 55 8.60 -13.09 11.04
C ALA A 55 8.77 -12.63 9.58
N TRP A 56 9.37 -11.47 9.39
CA TRP A 56 9.45 -10.85 8.05
C TRP A 56 10.41 -11.67 7.18
N ARG A 57 11.49 -12.18 7.77
CA ARG A 57 12.51 -12.97 7.06
C ARG A 57 11.93 -14.23 6.40
N THR A 58 10.89 -14.82 6.96
CA THR A 58 10.21 -15.99 6.37
C THR A 58 9.58 -15.58 5.03
N LEU A 59 9.34 -14.29 4.74
CA LEU A 59 8.72 -13.85 3.44
C LEU A 59 9.82 -13.50 2.42
N VAL A 60 11.08 -13.50 2.83
CA VAL A 60 12.19 -13.20 1.89
C VAL A 60 12.59 -14.50 1.21
N PRO A 61 12.50 -14.60 -0.12
CA PRO A 61 12.92 -15.83 -0.80
C PRO A 61 14.44 -16.00 -0.76
N THR A 62 14.89 -17.22 -1.05
CA THR A 62 16.30 -17.50 -1.37
C THR A 62 16.78 -16.45 -2.39
N ASP A 63 17.93 -15.87 -2.24
CA ASP A 63 18.37 -14.86 -3.25
C ASP A 63 17.43 -13.63 -3.29
N GLY A 64 16.60 -13.39 -2.26
CA GLY A 64 15.82 -12.15 -2.18
C GLY A 64 16.57 -10.95 -1.56
N ALA A 65 17.79 -11.12 -1.09
CA ALA A 65 18.56 -10.10 -0.34
C ALA A 65 19.91 -9.90 -0.97
N VAL A 66 20.35 -8.65 -0.97
CA VAL A 66 21.72 -8.23 -1.33
C VAL A 66 22.35 -7.44 -0.18
N VAL A 67 23.68 -7.55 -0.02
CA VAL A 67 24.45 -6.73 0.94
C VAL A 67 25.64 -6.17 0.21
N VAL A 68 26.10 -5.04 0.70
CA VAL A 68 27.40 -4.46 0.25
C VAL A 68 28.32 -4.52 1.47
N ARG A 69 29.51 -5.08 1.29
CA ARG A 69 30.56 -5.12 2.34
C ARG A 69 31.68 -4.17 1.94
N ASP A 70 32.28 -3.53 2.92
CA ASP A 70 33.55 -2.75 2.73
C ASP A 70 34.65 -3.58 3.37
N GLY A 71 35.46 -4.23 2.53
N SER A 76 36.12 -6.78 7.12
CA SER A 76 35.02 -6.12 6.37
C SER A 76 33.77 -5.96 7.25
N GLU A 77 32.80 -5.17 6.79
CA GLU A 77 31.52 -4.87 7.49
C GLU A 77 30.42 -4.51 6.47
N VAL A 78 29.18 -4.59 6.93
CA VAL A 78 27.96 -4.37 6.10
C VAL A 78 27.70 -2.86 6.05
N VAL A 79 27.78 -2.28 4.87
CA VAL A 79 27.57 -0.82 4.65
C VAL A 79 26.32 -0.56 3.79
N GLY A 80 25.71 -1.59 3.22
CA GLY A 80 24.44 -1.44 2.51
C GLY A 80 23.67 -2.73 2.45
N MET A 81 22.35 -2.62 2.39
CA MET A 81 21.51 -3.83 2.26
C MET A 81 20.18 -3.45 1.62
N ALA A 82 19.54 -4.45 1.00
CA ALA A 82 18.20 -4.32 0.38
C ALA A 82 17.65 -5.73 0.20
N LEU A 83 16.36 -5.88 0.33
CA LEU A 83 15.73 -7.17 0.03
C LEU A 83 14.33 -6.95 -0.49
N TYR A 84 13.75 -8.05 -0.97
CA TYR A 84 12.32 -8.09 -1.33
C TYR A 84 11.71 -9.30 -0.65
N MET A 85 10.43 -9.14 -0.39
CA MET A 85 9.53 -10.17 0.09
C MET A 85 8.56 -10.58 -1.02
N ASP A 86 8.12 -11.84 -0.91
CA ASP A 86 7.09 -12.40 -1.81
C ASP A 86 5.69 -11.97 -1.33
N LEU A 87 5.00 -11.08 -2.04
CA LEU A 87 3.65 -10.61 -1.64
C LEU A 87 2.61 -10.97 -2.70
N ARG A 88 1.35 -10.82 -2.35
CA ARG A 88 0.19 -10.97 -3.27
C ARG A 88 -0.62 -9.69 -3.19
N LEU A 89 -0.66 -8.96 -4.28
CA LEU A 89 -1.33 -7.64 -4.34
C LEU A 89 -2.59 -7.74 -5.20
N THR A 90 -3.71 -7.22 -4.69
CA THR A 90 -4.96 -7.15 -5.44
C THR A 90 -4.95 -5.89 -6.29
N VAL A 91 -5.31 -6.04 -7.56
CA VAL A 91 -5.39 -4.89 -8.50
C VAL A 91 -6.81 -4.85 -9.04
N PRO A 92 -7.22 -3.77 -9.72
CA PRO A 92 -8.62 -3.64 -10.17
C PRO A 92 -9.07 -4.88 -10.97
N GLY A 93 -10.32 -5.28 -10.71
CA GLY A 93 -10.92 -6.51 -11.26
C GLY A 93 -10.74 -7.67 -10.32
N GLU A 94 -10.30 -7.44 -9.08
CA GLU A 94 -10.07 -8.52 -8.09
C GLU A 94 -9.04 -9.54 -8.60
N VAL A 95 -8.08 -9.07 -9.35
CA VAL A 95 -6.97 -9.91 -9.83
C VAL A 95 -5.85 -9.82 -8.81
N VAL A 96 -5.24 -10.95 -8.45
CA VAL A 96 -4.12 -11.00 -7.48
C VAL A 96 -2.80 -11.26 -8.24
N LEU A 97 -1.84 -10.33 -8.15
CA LEU A 97 -0.50 -10.44 -8.75
C LEU A 97 0.54 -10.84 -7.73
N PRO A 98 1.44 -11.78 -8.11
CA PRO A 98 2.68 -11.95 -7.39
C PRO A 98 3.42 -10.60 -7.45
N THR A 99 3.90 -10.11 -6.31
CA THR A 99 4.53 -8.77 -6.17
C THR A 99 5.80 -8.89 -5.33
N ALA A 100 6.90 -8.30 -5.78
CA ALA A 100 8.15 -8.24 -5.00
C ALA A 100 8.07 -6.97 -4.11
N GLY A 101 7.95 -7.14 -2.81
CA GLY A 101 7.89 -6.00 -1.87
C GLY A 101 9.27 -5.59 -1.38
N LEU A 102 9.82 -4.50 -1.92
CA LEU A 102 11.17 -4.03 -1.52
C LEU A 102 11.11 -3.51 -0.08
N SER A 103 12.08 -3.90 0.75
CA SER A 103 12.08 -3.51 2.18
C SER A 103 13.49 -3.60 2.77
N PHE A 104 13.69 -3.06 3.97
CA PHE A 104 15.00 -3.19 4.67
C PHE A 104 16.13 -2.58 3.82
N VAL A 105 15.84 -1.48 3.12
CA VAL A 105 16.87 -0.80 2.28
C VAL A 105 17.59 0.24 3.15
N ALA A 106 18.92 0.12 3.24
CA ALA A 106 19.72 1.05 4.08
C ALA A 106 21.12 1.12 3.53
N VAL A 107 21.67 2.33 3.57
CA VAL A 107 23.08 2.64 3.29
C VAL A 107 23.66 3.23 4.59
N ALA A 108 24.82 2.74 5.03
CA ALA A 108 25.49 3.25 6.24
C ALA A 108 25.74 4.74 6.07
N PRO A 109 25.66 5.54 7.18
CA PRO A 109 25.89 6.99 7.08
C PRO A 109 27.32 7.33 6.67
N THR A 110 28.21 6.34 6.79
CA THR A 110 29.63 6.42 6.38
C THR A 110 29.84 6.27 4.90
N HIS A 111 28.80 5.84 4.14
CA HIS A 111 28.97 5.40 2.74
C HIS A 111 27.94 6.07 1.83
N ARG A 112 27.45 7.26 2.17
CA ARG A 112 26.50 8.02 1.33
C ARG A 112 27.17 8.49 0.03
N ARG A 113 26.36 8.68 -1.02
CA ARG A 113 26.76 9.31 -2.32
C ARG A 113 27.91 8.52 -2.94
N ARG A 114 27.87 7.20 -2.84
CA ARG A 114 28.89 6.35 -3.51
C ARG A 114 28.20 5.34 -4.46
N GLY A 115 26.94 5.54 -4.79
CA GLY A 115 26.28 4.67 -5.78
C GLY A 115 25.83 3.32 -5.21
N LEU A 116 25.82 3.13 -3.88
CA LEU A 116 25.40 1.85 -3.26
C LEU A 116 23.89 1.61 -3.47
N LEU A 117 23.04 2.62 -3.28
CA LEU A 117 21.59 2.42 -3.49
C LEU A 117 21.33 2.02 -4.96
N ARG A 118 21.97 2.71 -5.90
CA ARG A 118 21.76 2.46 -7.35
C ARG A 118 22.16 0.99 -7.65
N ALA A 119 23.33 0.57 -7.20
CA ALA A 119 23.90 -0.78 -7.37
C ALA A 119 22.97 -1.84 -6.76
N MET A 120 22.48 -1.64 -5.54
CA MET A 120 21.59 -2.63 -4.88
C MET A 120 20.23 -2.72 -5.62
N CYS A 121 19.62 -1.59 -6.00
CA CYS A 121 18.32 -1.53 -6.70
C CYS A 121 18.49 -2.18 -8.10
N ALA A 122 19.57 -1.92 -8.83
CA ALA A 122 19.79 -2.53 -10.17
C ALA A 122 19.87 -4.05 -10.02
N GLU A 123 20.59 -4.54 -9.02
CA GLU A 123 20.74 -6.01 -8.85
C GLU A 123 19.42 -6.62 -8.43
N LEU A 124 18.67 -6.00 -7.50
CA LEU A 124 17.42 -6.65 -7.06
C LEU A 124 16.42 -6.62 -8.20
N HIS A 125 16.37 -5.54 -8.98
CA HIS A 125 15.43 -5.42 -10.10
C HIS A 125 15.72 -6.50 -11.18
N ARG A 126 16.99 -6.79 -11.41
CA ARG A 126 17.43 -7.88 -12.33
C ARG A 126 16.87 -9.20 -11.82
N ARG A 127 17.03 -9.47 -10.52
CA ARG A 127 16.56 -10.74 -9.90
C ARG A 127 15.04 -10.80 -9.96
N ILE A 128 14.37 -9.71 -9.61
CA ILE A 128 12.87 -9.68 -9.59
C ILE A 128 12.33 -9.96 -11.01
N ALA A 129 12.83 -9.27 -12.02
CA ALA A 129 12.39 -9.39 -13.44
C ALA A 129 12.70 -10.83 -13.92
N ASP A 130 13.89 -11.34 -13.65
CA ASP A 130 14.29 -12.74 -14.05
C ASP A 130 13.43 -13.77 -13.35
N SER A 131 12.97 -13.50 -12.13
CA SER A 131 12.14 -14.46 -11.36
C SER A 131 10.71 -14.49 -11.88
N GLY A 132 10.26 -13.52 -12.68
CA GLY A 132 8.90 -13.55 -13.21
C GLY A 132 7.89 -12.65 -12.52
N TYR A 133 8.29 -11.71 -11.65
CA TYR A 133 7.30 -10.84 -11.00
C TYR A 133 6.90 -9.77 -12.01
N PRO A 134 5.60 -9.50 -12.19
CA PRO A 134 5.23 -8.43 -13.09
C PRO A 134 5.29 -7.02 -12.47
N VAL A 135 5.29 -6.97 -11.14
CA VAL A 135 5.28 -5.69 -10.38
C VAL A 135 6.18 -5.83 -9.13
N ALA A 136 6.78 -4.72 -8.77
CA ALA A 136 7.45 -4.50 -7.47
C ALA A 136 6.76 -3.34 -6.77
N ALA A 137 6.89 -3.34 -5.45
CA ALA A 137 6.19 -2.33 -4.62
C ALA A 137 7.06 -2.01 -3.41
N LEU A 138 6.82 -0.83 -2.86
CA LEU A 138 7.51 -0.43 -1.62
C LEU A 138 6.69 0.69 -0.93
N HIS A 139 7.07 0.95 0.31
CA HIS A 139 6.67 2.18 1.07
C HIS A 139 7.92 3.06 1.22
N ALA A 140 7.83 4.32 0.84
CA ALA A 140 9.02 5.21 0.70
C ALA A 140 9.26 5.96 2.02
N SER A 141 10.51 6.02 2.48
CA SER A 141 10.93 6.81 3.67
C SER A 141 10.91 8.30 3.33
N GLU A 142 11.18 8.68 2.08
CA GLU A 142 11.03 10.08 1.63
C GLU A 142 10.44 10.04 0.22
N GLY A 143 9.83 11.14 -0.23
CA GLY A 143 9.14 11.17 -1.53
C GLY A 143 10.07 11.31 -2.73
N GLY A 144 11.35 11.71 -2.56
CA GLY A 144 12.22 12.14 -3.68
C GLY A 144 13.21 11.07 -4.16
N ILE A 145 13.17 9.86 -3.61
CA ILE A 145 14.21 8.82 -3.87
C ILE A 145 13.76 7.90 -5.04
N TYR A 146 12.56 7.30 -5.01
CA TYR A 146 12.26 6.06 -5.78
C TYR A 146 11.70 6.35 -7.17
N GLY A 147 11.20 7.54 -7.49
CA GLY A 147 10.79 7.90 -8.85
C GLY A 147 11.83 7.57 -9.92
N ARG A 148 13.10 7.85 -9.63
CA ARG A 148 14.20 7.72 -10.60
C ARG A 148 14.51 6.22 -10.82
N PHE A 149 14.05 5.32 -9.96
CA PHE A 149 14.17 3.85 -10.10
C PHE A 149 12.87 3.25 -10.65
N GLY A 150 11.95 4.09 -11.13
CA GLY A 150 10.72 3.70 -11.83
C GLY A 150 9.53 3.41 -10.90
N TYR A 151 9.58 3.75 -9.58
CA TYR A 151 8.42 3.59 -8.68
C TYR A 151 7.57 4.86 -8.71
N GLY A 152 6.26 4.69 -8.83
CA GLY A 152 5.29 5.80 -8.79
C GLY A 152 4.38 5.60 -7.59
N PRO A 153 3.96 6.66 -6.87
CA PRO A 153 3.03 6.47 -5.75
C PRO A 153 1.68 6.04 -6.33
N ALA A 154 1.09 4.99 -5.77
CA ALA A 154 -0.07 4.29 -6.38
C ALA A 154 -1.27 4.27 -5.42
N THR A 155 -1.05 4.48 -4.11
CA THR A 155 -2.17 4.63 -3.12
C THR A 155 -1.96 5.93 -2.36
N THR A 156 -3.03 6.45 -1.76
CA THR A 156 -2.98 7.71 -0.98
C THR A 156 -3.54 7.47 0.43
N LEU A 157 -2.73 7.78 1.43
CA LEU A 157 -3.13 7.70 2.87
C LEU A 157 -3.78 9.04 3.24
N HIS A 158 -4.96 8.98 3.83
CA HIS A 158 -5.71 10.17 4.27
C HIS A 158 -5.99 9.96 5.76
N GLU A 159 -5.42 10.76 6.63
CA GLU A 159 -5.80 10.72 8.08
C GLU A 159 -7.03 11.58 8.35
N LEU A 160 -8.07 10.94 8.91
CA LEU A 160 -9.31 11.60 9.37
C LEU A 160 -9.26 11.65 10.89
N THR A 161 -9.52 12.83 11.45
CA THR A 161 -9.68 13.02 12.91
C THR A 161 -11.09 13.52 13.18
N VAL A 162 -11.90 12.75 13.89
CA VAL A 162 -13.31 13.09 14.17
C VAL A 162 -13.40 13.67 15.60
N ASP A 163 -13.97 14.86 15.79
CA ASP A 163 -14.35 15.38 17.14
C ASP A 163 -15.66 14.72 17.53
N ARG A 164 -15.54 13.57 18.16
CA ARG A 164 -16.67 12.69 18.40
C ARG A 164 -17.69 13.33 19.36
N ARG A 165 -17.34 14.36 20.14
CA ARG A 165 -18.31 15.01 21.06
C ARG A 165 -19.45 15.62 20.27
N PHE A 166 -19.24 16.03 19.01
CA PHE A 166 -20.29 16.70 18.22
C PHE A 166 -20.94 15.75 17.23
N ALA A 167 -20.34 14.58 16.99
CA ALA A 167 -20.73 13.70 15.85
C ALA A 167 -22.13 13.14 16.10
N ARG A 168 -23.02 13.33 15.15
CA ARG A 168 -24.38 12.73 15.14
C ARG A 168 -24.53 12.03 13.78
N PHE A 169 -25.08 10.83 13.80
CA PHE A 169 -25.32 10.07 12.55
C PHE A 169 -26.52 10.62 11.80
N HIS A 170 -26.39 10.70 10.48
CA HIS A 170 -27.45 11.15 9.56
C HIS A 170 -28.63 10.16 9.72
N ALA A 171 -29.85 10.66 9.58
CA ALA A 171 -31.09 9.85 9.48
C ALA A 171 -30.92 8.75 8.45
N ASP A 172 -30.19 8.95 7.33
CA ASP A 172 -30.05 7.85 6.32
C ASP A 172 -29.02 6.80 6.76
N ALA A 173 -28.19 7.05 7.77
CA ALA A 173 -27.03 6.14 8.00
C ALA A 173 -27.54 4.75 8.38
N PRO A 174 -26.96 3.63 7.88
CA PRO A 174 -27.36 2.31 8.35
C PRO A 174 -27.29 2.05 9.87
N GLY A 175 -28.07 1.09 10.37
CA GLY A 175 -27.96 0.55 11.74
C GLY A 175 -28.47 1.50 12.83
N GLY A 176 -29.53 2.27 12.54
CA GLY A 176 -30.11 3.31 13.43
C GLY A 176 -31.31 2.81 14.21
C GLY A 180 -28.34 -4.32 19.04
N SER A 181 -27.08 -4.50 19.46
CA SER A 181 -25.84 -4.19 18.69
C SER A 181 -25.29 -5.46 18.02
N SER A 182 -24.91 -5.35 16.75
CA SER A 182 -24.16 -6.40 16.01
C SER A 182 -22.64 -6.29 16.29
N VAL A 183 -22.19 -5.24 16.99
CA VAL A 183 -20.75 -5.02 17.30
C VAL A 183 -20.45 -5.44 18.74
N ARG A 184 -19.31 -6.06 18.94
CA ARG A 184 -18.84 -6.50 20.29
C ARG A 184 -17.49 -5.88 20.56
N LEU A 185 -17.30 -5.41 21.77
CA LEU A 185 -15.97 -4.98 22.29
C LEU A 185 -15.23 -6.23 22.76
N VAL A 186 -14.07 -6.53 22.20
CA VAL A 186 -13.39 -7.81 22.51
C VAL A 186 -11.90 -7.56 22.66
N ARG A 187 -11.22 -8.57 23.22
CA ARG A 187 -9.75 -8.67 23.32
C ARG A 187 -9.30 -9.23 21.98
N PRO A 188 -8.41 -8.53 21.26
CA PRO A 188 -7.93 -9.00 19.96
C PRO A 188 -7.38 -10.44 19.94
N THR A 189 -6.57 -10.82 20.94
CA THR A 189 -5.90 -12.16 20.99
C THR A 189 -6.91 -13.28 21.06
N GLU A 190 -8.13 -13.03 21.51
CA GLU A 190 -9.15 -14.10 21.71
C GLU A 190 -9.97 -14.31 20.44
N HIS A 191 -9.76 -13.52 19.38
CA HIS A 191 -10.63 -13.57 18.18
C HIS A 191 -9.79 -13.54 16.89
N ARG A 192 -8.61 -14.14 16.94
CA ARG A 192 -7.61 -14.14 15.84
C ARG A 192 -8.26 -14.70 14.56
N GLY A 193 -8.97 -15.81 14.71
CA GLY A 193 -9.65 -16.52 13.60
C GLY A 193 -10.60 -15.61 12.86
N GLU A 194 -11.39 -14.84 13.59
CA GLU A 194 -12.41 -14.01 12.97
C GLU A 194 -11.73 -12.83 12.29
N PHE A 195 -10.68 -12.23 12.88
CA PHE A 195 -9.99 -11.09 12.22
C PHE A 195 -9.37 -11.61 10.88
N GLU A 196 -8.71 -12.76 10.93
CA GLU A 196 -8.02 -13.38 9.77
C GLU A 196 -9.03 -13.55 8.66
N ALA A 197 -10.21 -14.10 8.96
CA ALA A 197 -11.21 -14.42 7.92
C ALA A 197 -11.79 -13.13 7.34
N ILE A 198 -12.05 -12.12 8.15
CA ILE A 198 -12.61 -10.85 7.59
C ILE A 198 -11.57 -10.18 6.69
N TYR A 199 -10.30 -10.14 7.14
CA TYR A 199 -9.23 -9.46 6.38
C TYR A 199 -9.04 -10.17 5.03
N GLU A 200 -9.13 -11.50 5.04
CA GLU A 200 -8.93 -12.29 3.80
C GLU A 200 -10.01 -11.91 2.78
N ARG A 201 -11.26 -11.76 3.23
CA ARG A 201 -12.35 -11.33 2.33
C ARG A 201 -12.07 -9.91 1.81
N TRP A 202 -11.62 -9.03 2.71
CA TRP A 202 -11.38 -7.61 2.32
C TRP A 202 -10.23 -7.50 1.33
N ARG A 203 -9.14 -8.24 1.54
CA ARG A 203 -7.92 -8.02 0.72
C ARG A 203 -8.16 -8.54 -0.71
N GLN A 204 -9.04 -9.53 -0.86
CA GLN A 204 -9.36 -10.10 -2.19
C GLN A 204 -10.31 -9.19 -2.96
N GLN A 205 -11.02 -8.28 -2.30
CA GLN A 205 -12.01 -7.40 -2.95
C GLN A 205 -11.47 -6.04 -3.28
N VAL A 206 -10.42 -5.55 -2.60
CA VAL A 206 -10.06 -4.12 -2.70
C VAL A 206 -8.70 -4.03 -3.40
N PRO A 207 -8.53 -3.18 -4.43
CA PRO A 207 -7.21 -2.89 -4.96
C PRO A 207 -6.30 -2.28 -3.89
N GLY A 208 -5.04 -2.70 -3.84
CA GLY A 208 -4.16 -2.36 -2.71
C GLY A 208 -4.11 -3.45 -1.67
N GLY A 209 -5.09 -4.37 -1.66
CA GLY A 209 -5.12 -5.44 -0.66
C GLY A 209 -3.89 -6.33 -0.78
N LEU A 210 -3.33 -6.73 0.35
CA LEU A 210 -2.20 -7.69 0.42
C LEU A 210 -2.62 -8.87 1.25
N LEU A 211 -2.22 -10.06 0.82
CA LEU A 211 -2.31 -11.27 1.65
C LEU A 211 -1.49 -11.02 2.91
N ARG A 212 -2.08 -11.28 4.07
CA ARG A 212 -1.35 -11.12 5.32
C ARG A 212 -1.05 -12.52 5.85
N PRO A 213 0.19 -13.01 5.75
CA PRO A 213 0.50 -14.36 6.22
C PRO A 213 0.48 -14.50 7.75
N GLN A 214 0.51 -15.74 8.21
CA GLN A 214 0.35 -16.10 9.63
C GLN A 214 1.36 -15.36 10.48
N VAL A 215 2.61 -15.30 10.05
CA VAL A 215 3.67 -14.66 10.86
C VAL A 215 3.34 -13.18 11.06
N LEU A 216 2.61 -12.53 10.15
CA LEU A 216 2.34 -11.08 10.32
C LEU A 216 1.15 -10.89 11.25
N TRP A 217 0.20 -11.83 11.29
CA TRP A 217 -0.85 -11.85 12.33
C TRP A 217 -0.20 -12.05 13.71
N ASP A 218 0.80 -12.94 13.85
CA ASP A 218 1.54 -13.13 15.12
C ASP A 218 2.11 -11.79 15.58
N GLU A 219 2.79 -11.07 14.70
CA GLU A 219 3.40 -9.77 15.03
C GLU A 219 2.30 -8.74 15.37
N LEU A 220 1.20 -8.68 14.61
CA LEU A 220 0.15 -7.66 14.85
C LEU A 220 -0.43 -7.86 16.28
N LEU A 221 -0.73 -9.09 16.63
CA LEU A 221 -1.40 -9.41 17.91
C LEU A 221 -0.41 -9.22 19.07
N ALA A 222 0.88 -9.35 18.83
CA ALA A 222 1.92 -9.08 19.85
C ALA A 222 2.00 -7.58 20.11
N GLU A 223 1.90 -6.74 19.07
CA GLU A 223 1.84 -5.27 19.25
C GLU A 223 0.52 -4.80 19.91
N ALA A 224 -0.51 -5.65 20.05
CA ALA A 224 -1.82 -5.29 20.67
C ALA A 224 -1.68 -5.23 22.21
N LYS A 225 -0.59 -5.78 22.74
CA LYS A 225 -0.23 -5.78 24.18
C LYS A 225 0.26 -4.38 24.57
N ALA A 226 -0.09 -3.90 25.76
CA ALA A 226 0.57 -2.76 26.43
C ALA A 226 2.08 -3.09 26.60
N ALA A 227 2.92 -2.06 26.50
CA ALA A 227 4.37 -2.11 26.79
C ALA A 227 4.74 -1.09 27.87
N PRO A 228 5.58 -1.43 28.88
CA PRO A 228 6.04 -0.43 29.85
C PRO A 228 6.82 0.69 29.15
N GLY A 229 6.40 1.94 29.31
CA GLY A 229 6.94 3.13 28.61
C GLY A 229 6.49 3.27 27.16
N GLY A 230 5.71 2.31 26.64
CA GLY A 230 5.31 2.31 25.22
C GLY A 230 3.79 2.42 25.05
N ASP A 231 3.24 1.66 24.10
CA ASP A 231 1.84 1.84 23.65
C ASP A 231 0.90 1.31 24.75
N ARG A 232 -0.32 1.84 24.79
CA ARG A 232 -1.39 1.31 25.66
C ARG A 232 -1.97 0.05 25.03
N GLU A 233 -2.73 -0.72 25.79
CA GLU A 233 -3.36 -1.97 25.32
C GLU A 233 -4.29 -1.63 24.15
N SER A 234 -4.35 -2.49 23.16
CA SER A 234 -5.34 -2.38 22.04
C SER A 234 -6.62 -3.12 22.36
N PHE A 235 -7.74 -2.57 21.93
CA PHE A 235 -9.04 -3.25 21.99
C PHE A 235 -9.57 -3.43 20.56
N ALA A 236 -10.53 -4.31 20.40
CA ALA A 236 -11.17 -4.59 19.10
C ALA A 236 -12.66 -4.37 19.23
N LEU A 237 -13.27 -3.83 18.14
CA LEU A 237 -14.71 -3.85 17.85
C LEU A 237 -14.91 -4.83 16.70
N LEU A 238 -15.75 -5.84 16.94
CA LEU A 238 -15.94 -6.99 16.04
C LEU A 238 -17.39 -7.11 15.60
N HIS A 239 -17.61 -7.08 14.28
CA HIS A 239 -18.87 -7.29 13.57
C HIS A 239 -18.73 -8.54 12.72
N PRO A 240 -19.80 -9.29 12.38
CA PRO A 240 -19.65 -10.45 11.47
C PRO A 240 -18.86 -10.10 10.19
N ASP A 241 -18.97 -8.84 9.72
CA ASP A 241 -18.42 -8.40 8.40
C ASP A 241 -17.43 -7.22 8.53
N GLY A 242 -16.79 -7.03 9.69
CA GLY A 242 -15.72 -6.02 9.85
C GLY A 242 -15.16 -5.98 11.26
N TYR A 243 -14.02 -5.35 11.42
CA TYR A 243 -13.39 -5.15 12.73
C TYR A 243 -12.66 -3.82 12.67
N ALA A 244 -12.47 -3.24 13.86
CA ALA A 244 -11.62 -2.07 14.13
C ALA A 244 -10.69 -2.41 15.30
N LEU A 245 -9.40 -2.14 15.15
CA LEU A 245 -8.43 -2.31 16.25
C LEU A 245 -8.02 -0.90 16.67
N TYR A 246 -8.16 -0.56 17.94
CA TYR A 246 -7.88 0.84 18.37
C TYR A 246 -7.14 0.87 19.71
N ARG A 247 -6.41 1.94 19.97
CA ARG A 247 -5.75 2.12 21.29
C ARG A 247 -5.74 3.60 21.66
N VAL A 248 -5.80 3.90 22.96
CA VAL A 248 -5.70 5.32 23.41
C VAL A 248 -4.25 5.77 23.18
N ASP A 249 -4.07 7.03 22.78
CA ASP A 249 -2.72 7.57 22.52
C ASP A 249 -1.87 7.51 23.79
N ARG A 250 -0.56 7.29 23.64
CA ARG A 250 0.39 7.18 24.78
C ARG A 250 0.29 8.43 25.67
N THR A 251 0.27 9.60 25.07
CA THR A 251 0.41 10.91 25.77
C THR A 251 -0.91 11.66 25.73
N ASP A 252 -1.61 11.73 24.59
CA ASP A 252 -2.95 12.40 24.54
C ASP A 252 -4.04 11.40 24.93
N LEU A 253 -4.48 11.44 26.19
CA LEU A 253 -5.41 10.43 26.74
C LEU A 253 -6.84 10.68 26.27
N LYS A 254 -7.14 11.77 25.55
CA LYS A 254 -8.48 12.02 24.96
C LYS A 254 -8.50 11.67 23.45
N LEU A 255 -7.43 11.08 22.91
CA LEU A 255 -7.36 10.63 21.48
C LEU A 255 -7.34 9.10 21.39
N ALA A 256 -8.26 8.50 20.67
CA ALA A 256 -8.17 7.06 20.30
C ALA A 256 -7.70 6.97 18.84
N ARG A 257 -6.66 6.19 18.62
CA ARG A 257 -6.11 5.95 17.29
C ARG A 257 -6.57 4.58 16.82
N VAL A 258 -7.28 4.55 15.69
CA VAL A 258 -7.71 3.25 15.09
C VAL A 258 -6.56 2.76 14.19
N SER A 259 -5.81 1.75 14.63
CA SER A 259 -4.68 1.22 13.83
C SER A 259 -5.20 0.60 12.53
N GLU A 260 -6.31 -0.11 12.59
CA GLU A 260 -6.81 -0.85 11.41
C GLU A 260 -8.33 -0.96 11.45
N LEU A 261 -8.98 -0.65 10.33
CA LEU A 261 -10.44 -0.90 10.23
C LEU A 261 -10.67 -1.60 8.89
N ARG A 262 -11.17 -2.83 8.93
CA ARG A 262 -11.46 -3.58 7.69
C ARG A 262 -12.95 -3.94 7.69
N ALA A 263 -13.70 -3.42 6.72
CA ALA A 263 -15.13 -3.72 6.65
C ALA A 263 -15.42 -4.18 5.20
N VAL A 264 -16.22 -5.21 5.07
CA VAL A 264 -16.55 -5.89 3.78
C VAL A 264 -17.89 -5.35 3.31
N THR A 265 -18.71 -4.83 4.21
CA THR A 265 -20.05 -4.32 3.83
C THR A 265 -20.17 -2.90 4.35
N ALA A 266 -21.09 -2.13 3.78
CA ALA A 266 -21.40 -0.77 4.25
C ALA A 266 -21.99 -0.84 5.66
N ASP A 267 -22.85 -1.84 5.90
CA ASP A 267 -23.49 -1.98 7.23
C ASP A 267 -22.39 -2.14 8.28
N ALA A 268 -21.38 -2.96 8.03
CA ALA A 268 -20.28 -3.21 9.00
C ALA A 268 -19.52 -1.89 9.26
N HIS A 269 -19.15 -1.19 8.21
CA HIS A 269 -18.39 0.09 8.27
C HIS A 269 -19.19 1.06 9.13
N CYS A 270 -20.49 1.23 8.87
CA CYS A 270 -21.30 2.18 9.68
C CYS A 270 -21.42 1.69 11.14
N ALA A 271 -21.63 0.41 11.38
CA ALA A 271 -21.85 -0.13 12.74
C ALA A 271 -20.57 0.07 13.58
N LEU A 272 -19.39 -0.16 12.98
CA LEU A 272 -18.10 0.03 13.66
C LEU A 272 -17.93 1.51 14.02
N TRP A 273 -18.27 2.44 13.14
CA TRP A 273 -18.11 3.90 13.41
C TRP A 273 -19.10 4.34 14.49
N ARG A 274 -20.30 3.74 14.54
CA ARG A 274 -21.25 4.04 15.64
C ARG A 274 -20.61 3.66 16.98
N ALA A 275 -19.98 2.49 17.06
CA ALA A 275 -19.28 2.03 18.28
C ALA A 275 -18.09 2.96 18.62
N LEU A 276 -17.29 3.39 17.64
CA LEU A 276 -16.13 4.26 17.89
C LEU A 276 -16.63 5.62 18.38
N ILE A 277 -17.66 6.17 17.76
CA ILE A 277 -18.26 7.44 18.24
C ILE A 277 -18.90 7.24 19.63
N GLY A 278 -19.14 6.00 20.07
CA GLY A 278 -19.54 5.69 21.46
C GLY A 278 -18.38 5.59 22.45
N LEU A 279 -17.13 5.89 22.07
CA LEU A 279 -16.02 5.99 23.06
C LEU A 279 -16.14 7.34 23.78
N ASP A 280 -17.06 7.41 24.73
CA ASP A 280 -17.51 8.66 25.40
C ASP A 280 -16.35 9.25 26.21
N SER A 281 -15.36 8.48 26.64
CA SER A 281 -14.19 9.08 27.35
C SER A 281 -13.23 9.81 26.39
N MET A 282 -13.38 9.70 25.04
CA MET A 282 -12.43 10.34 24.11
C MET A 282 -13.04 11.66 23.64
N GLU A 283 -12.22 12.61 23.28
CA GLU A 283 -12.62 13.78 22.48
C GLU A 283 -12.52 13.51 20.97
N ARG A 284 -11.47 12.81 20.55
CA ARG A 284 -11.10 12.65 19.13
C ARG A 284 -10.82 11.17 18.83
N ILE A 285 -11.18 10.74 17.62
CA ILE A 285 -10.87 9.40 17.01
C ILE A 285 -10.12 9.69 15.71
N SER A 286 -8.91 9.15 15.56
CA SER A 286 -8.13 9.35 14.32
C SER A 286 -7.95 7.98 13.65
N ILE A 287 -7.96 8.01 12.31
CA ILE A 287 -7.72 6.79 11.51
C ILE A 287 -6.90 7.18 10.28
N ILE A 288 -6.00 6.31 9.84
CA ILE A 288 -5.37 6.45 8.50
C ILE A 288 -6.17 5.62 7.51
N THR A 289 -6.84 6.29 6.61
CA THR A 289 -7.80 5.65 5.71
C THR A 289 -7.44 6.06 4.27
N HIS A 290 -8.40 6.05 3.37
CA HIS A 290 -8.22 6.40 1.93
C HIS A 290 -9.14 7.56 1.57
N PRO A 291 -8.91 8.27 0.44
CA PRO A 291 -9.70 9.48 0.13
C PRO A 291 -11.21 9.28 -0.10
N GLN A 292 -11.65 8.07 -0.40
CA GLN A 292 -13.09 7.81 -0.65
C GLN A 292 -13.77 7.18 0.57
N ASP A 293 -13.18 7.27 1.77
CA ASP A 293 -13.81 6.69 2.98
C ASP A 293 -15.17 7.38 3.11
N PRO A 294 -16.29 6.62 3.20
CA PRO A 294 -17.62 7.26 3.29
C PRO A 294 -17.94 7.88 4.66
N LEU A 295 -17.09 7.72 5.67
CA LEU A 295 -17.33 8.22 7.06
C LEU A 295 -17.96 9.60 7.06
N PRO A 296 -17.42 10.63 6.38
CA PRO A 296 -17.95 11.98 6.54
C PRO A 296 -19.42 12.09 6.16
N HIS A 297 -19.85 11.26 5.19
CA HIS A 297 -21.26 11.25 4.72
C HIS A 297 -22.22 10.57 5.68
N LEU A 298 -21.70 9.78 6.64
CA LEU A 298 -22.49 9.15 7.73
C LEU A 298 -22.95 10.16 8.76
N LEU A 299 -22.40 11.36 8.80
CA LEU A 299 -22.64 12.34 9.89
C LEU A 299 -23.47 13.49 9.33
N THR A 300 -24.26 14.12 10.20
CA THR A 300 -25.06 15.31 9.85
C THR A 300 -24.13 16.47 9.52
N ASP A 301 -22.92 16.50 10.09
CA ASP A 301 -21.91 17.54 9.81
C ASP A 301 -20.67 16.85 9.21
N THR A 302 -20.56 16.83 7.88
CA THR A 302 -19.45 16.20 7.12
C THR A 302 -18.12 16.84 7.54
N ARG A 303 -18.13 18.08 8.00
CA ARG A 303 -16.89 18.80 8.35
C ARG A 303 -16.26 18.21 9.61
N LEU A 304 -17.00 17.49 10.44
CA LEU A 304 -16.43 16.91 11.68
C LEU A 304 -15.39 15.84 11.37
N ALA A 305 -15.46 15.17 10.22
CA ALA A 305 -14.40 14.22 9.81
C ALA A 305 -13.28 15.00 9.11
N ARG A 306 -12.32 15.55 9.88
CA ARG A 306 -11.35 16.53 9.36
C ARG A 306 -10.16 15.75 8.77
N THR A 307 -9.70 16.14 7.59
CA THR A 307 -8.42 15.64 7.02
C THR A 307 -7.24 16.30 7.68
N THR A 308 -6.47 15.58 8.48
CA THR A 308 -5.38 16.08 9.31
C THR A 308 -4.05 15.75 8.68
N TRP A 309 -3.99 14.86 7.67
CA TRP A 309 -2.70 14.43 7.07
C TRP A 309 -3.00 13.68 5.80
N ARG A 310 -2.18 13.88 4.77
CA ARG A 310 -2.30 13.15 3.50
C ARG A 310 -0.90 12.81 3.01
N GLN A 311 -0.71 11.60 2.49
CA GLN A 311 0.64 11.19 2.06
C GLN A 311 0.49 10.00 1.07
N ASP A 312 1.48 9.85 0.20
CA ASP A 312 1.67 8.64 -0.67
C ASP A 312 1.70 7.42 0.27
N GLY A 313 1.06 6.34 -0.14
CA GLY A 313 1.13 5.06 0.57
C GLY A 313 2.01 4.07 -0.16
N LEU A 314 1.39 3.13 -0.87
CA LEU A 314 2.17 2.12 -1.62
C LEU A 314 2.68 2.74 -2.92
N TRP A 315 3.93 2.44 -3.29
CA TRP A 315 4.55 2.79 -4.57
C TRP A 315 4.68 1.49 -5.40
N LEU A 316 4.56 1.64 -6.72
CA LEU A 316 4.61 0.50 -7.64
C LEU A 316 5.62 0.76 -8.75
N ARG A 317 6.41 -0.28 -9.05
CA ARG A 317 7.26 -0.26 -10.26
C ARG A 317 6.72 -1.37 -11.15
N ILE A 318 6.19 -1.01 -12.28
CA ILE A 318 5.74 -2.03 -13.27
C ILE A 318 7.00 -2.67 -13.87
N MET A 319 7.24 -3.97 -13.67
CA MET A 319 8.48 -4.65 -14.12
C MET A 319 8.28 -5.13 -15.57
N ASN A 320 7.10 -5.60 -15.92
CA ASN A 320 6.75 -6.11 -17.27
C ASN A 320 5.46 -5.39 -17.73
N VAL A 321 5.59 -4.44 -18.66
CA VAL A 321 4.49 -3.54 -19.05
C VAL A 321 3.32 -4.35 -19.59
N PRO A 322 3.49 -5.20 -20.62
CA PRO A 322 2.34 -5.92 -21.16
C PRO A 322 1.70 -6.90 -20.19
N ALA A 323 2.47 -7.60 -19.38
CA ALA A 323 1.91 -8.56 -18.45
C ALA A 323 1.06 -7.79 -17.39
N ALA A 324 1.57 -6.67 -16.88
CA ALA A 324 0.79 -5.89 -15.90
C ALA A 324 -0.50 -5.34 -16.52
N LEU A 325 -0.41 -4.68 -17.68
CA LEU A 325 -1.60 -4.04 -18.29
C LEU A 325 -2.66 -5.09 -18.66
N GLU A 326 -2.24 -6.24 -19.20
CA GLU A 326 -3.20 -7.32 -19.55
C GLU A 326 -3.85 -7.92 -18.29
N ALA A 327 -3.11 -8.02 -17.19
CA ALA A 327 -3.65 -8.67 -15.96
C ALA A 327 -4.82 -7.91 -15.34
N ARG A 328 -4.75 -6.58 -15.25
CA ARG A 328 -5.81 -5.84 -14.52
C ARG A 328 -7.10 -5.69 -15.33
N GLY A 329 -8.24 -5.58 -14.65
CA GLY A 329 -9.52 -5.30 -15.33
C GLY A 329 -9.68 -3.81 -15.55
N TYR A 330 -10.49 -3.42 -16.53
CA TYR A 330 -10.68 -1.98 -16.85
C TYR A 330 -12.17 -1.64 -16.77
N ALA A 331 -12.50 -0.34 -16.78
CA ALA A 331 -13.92 0.03 -16.63
C ALA A 331 -14.68 -0.42 -17.90
N HIS A 332 -15.83 -1.07 -17.70
CA HIS A 332 -16.78 -1.46 -18.79
C HIS A 332 -17.49 -0.24 -19.41
N GLU A 333 -17.52 0.91 -18.76
CA GLU A 333 -18.34 2.07 -19.24
C GLU A 333 -17.72 2.67 -20.50
N VAL A 334 -16.43 2.50 -20.71
CA VAL A 334 -15.69 3.12 -21.83
C VAL A 334 -15.78 2.14 -23.02
N GLY A 335 -16.08 2.66 -24.18
CA GLY A 335 -16.18 1.86 -25.40
C GLY A 335 -14.79 1.45 -25.84
N GLU A 336 -14.73 0.32 -26.54
CA GLU A 336 -13.48 -0.20 -27.11
C GLU A 336 -12.68 0.92 -27.77
N PHE A 337 -11.38 0.96 -27.50
CA PHE A 337 -10.45 1.92 -28.15
C PHE A 337 -9.05 1.30 -28.19
N SER A 338 -8.21 1.81 -29.09
CA SER A 338 -6.83 1.32 -29.37
C SER A 338 -5.92 2.53 -29.32
N THR A 339 -4.68 2.39 -28.86
CA THR A 339 -3.70 3.48 -28.93
C THR A 339 -2.32 2.82 -28.99
N VAL A 340 -1.28 3.65 -29.06
CA VAL A 340 0.11 3.15 -29.02
C VAL A 340 0.77 3.83 -27.81
N LEU A 341 1.17 3.05 -26.81
CA LEU A 341 1.76 3.62 -25.58
C LEU A 341 3.26 3.38 -25.57
N GLU A 342 4.04 4.43 -25.32
CA GLU A 342 5.50 4.22 -25.17
C GLU A 342 5.90 4.50 -23.72
N VAL A 343 6.56 3.54 -23.09
CA VAL A 343 7.09 3.78 -21.72
C VAL A 343 8.57 4.09 -21.91
N SER A 344 9.07 5.16 -21.30
CA SER A 344 10.47 5.54 -21.56
C SER A 344 11.36 4.37 -21.11
N ASP A 345 12.17 3.83 -22.02
CA ASP A 345 13.05 2.68 -21.71
C ASP A 345 12.21 1.48 -21.22
N GLY A 346 10.95 1.38 -21.65
CA GLY A 346 10.07 0.29 -21.21
C GLY A 346 9.36 -0.42 -22.35
N GLY A 347 9.63 -0.01 -23.58
CA GLY A 347 9.00 -0.62 -24.76
C GLY A 347 7.87 0.22 -25.33
N ARG A 348 7.51 -0.03 -26.59
CA ARG A 348 6.36 0.66 -27.21
C ARG A 348 5.32 -0.41 -27.53
N PHE A 349 4.06 -0.17 -27.17
CA PHE A 349 3.06 -1.25 -27.31
C PHE A 349 1.75 -0.76 -27.91
N ALA A 350 1.10 -1.62 -28.69
CA ALA A 350 -0.25 -1.29 -29.19
C ALA A 350 -1.21 -1.73 -28.08
N LEU A 351 -1.95 -0.78 -27.51
CA LEU A 351 -2.84 -1.11 -26.38
C LEU A 351 -4.30 -1.03 -26.86
N LYS A 352 -5.03 -2.13 -26.75
CA LYS A 352 -6.47 -2.13 -27.13
C LYS A 352 -7.27 -2.48 -25.88
N ILE A 353 -8.20 -1.62 -25.49
CA ILE A 353 -9.00 -1.86 -24.25
C ILE A 353 -10.48 -1.96 -24.64
N GLY A 354 -11.11 -3.10 -24.35
CA GLY A 354 -12.55 -3.26 -24.60
C GLY A 354 -13.15 -4.32 -23.69
N ASP A 355 -14.43 -4.17 -23.31
CA ASP A 355 -15.12 -5.19 -22.48
C ASP A 355 -14.36 -5.41 -21.18
N GLY A 356 -13.76 -4.36 -20.62
CA GLY A 356 -13.06 -4.47 -19.32
C GLY A 356 -11.71 -5.15 -19.41
N ARG A 357 -11.22 -5.41 -20.62
CA ARG A 357 -9.94 -6.17 -20.76
C ARG A 357 -9.01 -5.42 -21.71
N ALA A 358 -7.70 -5.64 -21.56
CA ALA A 358 -6.72 -4.94 -22.41
C ALA A 358 -5.80 -5.94 -23.14
N ARG A 359 -5.47 -5.64 -24.39
CA ARG A 359 -4.47 -6.46 -25.13
C ARG A 359 -3.29 -5.53 -25.38
N CYS A 360 -2.09 -5.91 -24.94
CA CYS A 360 -0.89 -5.04 -25.08
C CYS A 360 0.15 -5.81 -25.90
N THR A 361 0.46 -5.35 -27.11
CA THR A 361 1.36 -6.12 -28.02
C THR A 361 2.48 -5.22 -28.57
N PRO A 362 3.68 -5.74 -28.85
CA PRO A 362 4.79 -4.92 -29.31
C PRO A 362 4.50 -4.26 -30.66
N THR A 363 4.92 -2.99 -30.83
CA THR A 363 4.75 -2.31 -32.14
C THR A 363 5.85 -1.27 -32.37
N ASP A 364 6.15 -0.95 -33.63
CA ASP A 364 7.11 0.13 -33.94
C ASP A 364 6.31 1.32 -34.49
N ALA A 365 4.98 1.25 -34.42
CA ALA A 365 4.11 2.34 -34.91
C ALA A 365 4.31 3.58 -34.05
N ALA A 366 4.02 4.77 -34.59
CA ALA A 366 4.27 6.02 -33.83
C ALA A 366 3.48 6.03 -32.52
N ALA A 367 4.12 6.46 -31.44
CA ALA A 367 3.45 6.51 -30.12
C ALA A 367 2.40 7.63 -30.07
N GLU A 368 1.23 7.34 -29.51
CA GLU A 368 0.20 8.39 -29.32
C GLU A 368 0.29 8.87 -27.87
N ILE A 369 0.79 8.03 -26.96
CA ILE A 369 0.96 8.41 -25.53
C ILE A 369 2.39 8.05 -25.10
N GLU A 370 3.04 8.92 -24.32
CA GLU A 370 4.40 8.64 -23.81
C GLU A 370 4.47 8.98 -22.32
N MET A 371 5.13 8.14 -21.53
CA MET A 371 5.32 8.41 -20.07
C MET A 371 6.50 7.59 -19.53
N ASP A 372 7.16 8.07 -18.48
CA ASP A 372 8.17 7.27 -17.74
C ASP A 372 7.46 6.11 -17.03
N ARG A 373 8.21 5.06 -16.73
CA ARG A 373 7.69 3.85 -16.03
C ARG A 373 6.97 4.25 -14.72
N ASP A 374 7.50 5.21 -13.97
CA ASP A 374 6.93 5.58 -12.65
C ASP A 374 5.48 6.06 -12.80
N VAL A 375 5.20 6.76 -13.88
CA VAL A 375 3.87 7.35 -14.13
C VAL A 375 2.89 6.21 -14.30
N LEU A 376 3.29 5.18 -15.05
CA LEU A 376 2.38 4.04 -15.25
C LEU A 376 2.02 3.40 -13.91
N GLY A 377 2.96 3.26 -13.01
CA GLY A 377 2.73 2.69 -11.67
C GLY A 377 1.71 3.56 -10.90
N SER A 378 1.81 4.89 -10.99
CA SER A 378 0.83 5.83 -10.38
C SER A 378 -0.58 5.67 -10.94
N LEU A 379 -0.73 5.38 -12.25
CA LEU A 379 -2.04 5.19 -12.91
C LEU A 379 -2.65 3.83 -12.55
N TYR A 380 -1.80 2.88 -12.23
CA TYR A 380 -2.15 1.45 -12.38
C TYR A 380 -3.30 1.02 -11.47
N LEU A 381 -3.38 1.49 -10.23
CA LEU A 381 -4.47 1.04 -9.34
C LEU A 381 -5.65 2.03 -9.36
N GLY A 382 -5.62 3.08 -10.19
CA GLY A 382 -6.67 4.11 -10.26
C GLY A 382 -6.54 5.25 -9.26
N ALA A 383 -5.43 5.46 -8.55
CA ALA A 383 -5.31 6.50 -7.48
C ALA A 383 -5.10 7.89 -8.11
N HIS A 384 -4.49 7.95 -9.29
CA HIS A 384 -4.11 9.20 -9.97
C HIS A 384 -4.72 9.19 -11.36
N ARG A 385 -5.30 10.31 -11.79
CA ARG A 385 -5.92 10.41 -13.14
C ARG A 385 -4.88 10.70 -14.20
N ALA A 386 -4.96 10.03 -15.34
CA ALA A 386 -4.12 10.34 -16.52
C ALA A 386 -4.17 11.84 -16.82
N SER A 387 -5.34 12.50 -16.74
CA SER A 387 -5.43 13.95 -17.15
C SER A 387 -4.70 14.84 -16.12
N THR A 388 -4.60 14.41 -14.86
CA THR A 388 -3.81 15.16 -13.83
C THR A 388 -2.32 15.06 -14.13
N LEU A 389 -1.84 13.84 -14.40
CA LEU A 389 -0.45 13.60 -14.81
C LEU A 389 -0.15 14.33 -16.11
N ALA A 390 -1.10 14.38 -17.07
CA ALA A 390 -0.89 15.09 -18.34
C ALA A 390 -0.70 16.60 -18.07
N ALA A 391 -1.46 17.17 -17.16
CA ALA A 391 -1.35 18.62 -16.83
C ALA A 391 0.01 18.94 -16.20
N ALA A 392 0.75 17.96 -15.67
CA ALA A 392 2.11 18.20 -15.18
C ALA A 392 3.14 17.79 -16.25
N ASN A 393 2.69 17.37 -17.42
CA ASN A 393 3.55 16.93 -18.54
C ASN A 393 4.29 15.62 -18.18
N ARG A 394 3.80 14.84 -17.21
CA ARG A 394 4.42 13.54 -16.86
C ARG A 394 3.96 12.47 -17.86
N LEU A 395 2.84 12.73 -18.49
CA LEU A 395 2.19 11.89 -19.54
C LEU A 395 1.94 12.83 -20.72
N ARG A 396 2.41 12.50 -21.92
CA ARG A 396 2.38 13.39 -23.12
C ARG A 396 1.58 12.69 -24.22
N THR A 397 0.53 13.37 -24.66
CA THR A 397 -0.31 13.01 -25.81
C THR A 397 -0.84 14.31 -26.45
N LYS A 398 -1.19 14.25 -27.71
CA LYS A 398 -1.73 15.40 -28.49
C LYS A 398 -3.24 15.18 -28.66
N ASP A 399 -3.79 14.08 -28.11
CA ASP A 399 -5.22 13.73 -28.21
C ASP A 399 -5.95 13.90 -26.87
N SER A 400 -6.80 14.93 -26.65
CA SER A 400 -7.52 15.04 -25.35
C SER A 400 -8.60 13.96 -25.22
N GLN A 401 -9.18 13.51 -26.34
CA GLN A 401 -10.14 12.40 -26.28
C GLN A 401 -9.47 11.12 -25.73
N LEU A 402 -8.26 10.84 -26.18
CA LEU A 402 -7.50 9.65 -25.73
C LEU A 402 -7.28 9.77 -24.23
N LEU A 403 -6.99 10.97 -23.72
CA LEU A 403 -6.77 11.21 -22.28
C LEU A 403 -8.04 10.91 -21.51
N ARG A 404 -9.18 11.40 -22.01
CA ARG A 404 -10.46 11.10 -21.33
C ARG A 404 -10.69 9.61 -21.31
N ARG A 405 -10.43 8.94 -22.42
CA ARG A 405 -10.64 7.47 -22.46
C ARG A 405 -9.72 6.72 -21.49
N LEU A 406 -8.45 7.06 -21.41
CA LEU A 406 -7.54 6.44 -20.40
C LEU A 406 -7.96 6.75 -18.99
N ASP A 407 -8.29 8.01 -18.69
CA ASP A 407 -8.83 8.34 -17.34
C ASP A 407 -9.96 7.39 -16.99
N ALA A 408 -10.97 7.24 -17.88
CA ALA A 408 -12.14 6.40 -17.60
C ALA A 408 -11.75 4.94 -17.47
N ALA A 409 -10.88 4.44 -18.36
CA ALA A 409 -10.65 2.99 -18.44
C ALA A 409 -9.86 2.56 -17.20
N PHE A 410 -8.84 3.35 -16.83
CA PHE A 410 -7.93 3.01 -15.69
C PHE A 410 -8.60 3.24 -14.32
N ALA A 411 -9.71 3.94 -14.27
CA ALA A 411 -10.49 4.11 -13.02
C ALA A 411 -10.84 2.75 -12.45
N SER A 412 -10.89 2.72 -11.12
CA SER A 412 -11.33 1.55 -10.37
C SER A 412 -12.74 1.78 -9.81
N ASP A 413 -13.62 0.85 -10.04
CA ASP A 413 -14.97 0.77 -9.44
C ASP A 413 -14.88 0.76 -7.90
N VAL A 414 -14.02 -0.06 -7.30
CA VAL A 414 -13.73 -0.18 -5.85
C VAL A 414 -12.55 0.72 -5.57
N PRO A 415 -12.69 1.74 -4.72
CA PRO A 415 -11.57 2.64 -4.41
C PRO A 415 -10.36 1.89 -3.83
N VAL A 416 -9.20 2.35 -4.27
CA VAL A 416 -7.87 1.77 -3.94
C VAL A 416 -7.57 2.13 -2.48
N GLN A 417 -7.20 1.11 -1.70
CA GLN A 417 -6.84 1.30 -0.27
C GLN A 417 -5.41 0.81 -0.06
N THR A 418 -4.87 1.08 1.11
CA THR A 418 -3.51 0.67 1.50
C THR A 418 -3.68 -0.43 2.54
N ALA A 419 -3.05 -1.58 2.35
CA ALA A 419 -3.20 -2.74 3.24
C ALA A 419 -2.40 -2.53 4.55
N PHE A 420 -1.12 -2.80 4.52
CA PHE A 420 -0.24 -2.70 5.70
C PHE A 420 1.12 -2.29 5.14
N GLU A 421 1.84 -1.56 5.95
CA GLU A 421 3.19 -1.11 5.62
C GLU A 421 4.17 -2.28 5.70
N PHE A 422 5.23 -2.19 4.89
CA PHE A 422 6.30 -3.21 4.87
C PHE A 422 7.56 -2.49 4.44
C3 XG0 B . 10.81 1.12 7.68
C4 XG0 B . 11.64 -0.18 7.56
C5 XG0 B . 11.68 -0.64 6.08
C11 XG0 B . 12.97 -7.12 8.55
C16 XG0 B . 10.75 -2.39 10.67
C17 XG0 B . 11.19 -1.24 9.90
C18 XG0 B . 10.70 -2.39 12.07
C19 XG0 B . 10.27 -3.50 12.83
C21 XG0 B . 9.91 -4.71 10.78
O XG0 B . 11.53 -0.15 10.46
N1 XG0 B . 11.21 -1.28 8.47
C20 XG0 B . 9.89 -4.68 12.20
C15 XG0 B . 10.32 -3.59 10.01
C7 XG0 B . 10.34 -3.59 8.59
N2 XG0 B . 10.77 -2.50 7.89
C8 XG0 B . 9.95 -4.78 7.73
C9 XG0 B . 11.08 -5.82 7.67
C14 XG0 B . 11.20 -6.55 6.48
C13 XG0 B . 12.16 -7.53 6.32
C12 XG0 B . 13.05 -7.80 7.34
CL XG0 B . 14.18 -9.13 7.13
C10 XG0 B . 11.99 -6.13 8.72
C1 GOL C . 18.04 -14.28 2.83
O1 GOL C . 18.79 -14.10 1.63
C2 GOL C . 16.89 -15.24 2.59
O2 GOL C . 17.45 -16.46 2.11
C3 GOL C . 15.99 -15.52 3.77
O3 GOL C . 16.38 -14.84 4.98
C1 GOL D . 13.12 -0.03 2.39
O1 GOL D . 13.42 0.47 3.68
C2 GOL D . 11.79 0.43 1.84
O2 GOL D . 10.91 0.68 2.94
C3 GOL D . 11.93 1.60 0.87
O3 GOL D . 12.15 2.88 1.49
C1 GOL E . -2.40 1.04 5.96
O1 GOL E . -3.55 0.76 6.77
C2 GOL E . -1.25 1.48 6.83
O2 GOL E . -0.11 1.66 5.99
C3 GOL E . -1.57 2.73 7.63
O3 GOL E . -0.42 3.53 7.90
C1 PEG F . -10.22 2.23 6.16
O1 PEG F . -9.17 2.16 7.12
C2 PEG F . -11.61 1.94 6.70
O2 PEG F . -12.38 1.07 5.86
C3 PEG F . -12.45 1.41 4.47
C4 PEG F . -13.88 1.33 3.97
O4 PEG F . -14.26 2.48 3.20
C1 GOL G . 14.50 -5.34 -14.69
O1 GOL G . 15.84 -4.86 -14.55
C2 GOL G . 13.71 -4.40 -15.56
O2 GOL G . 12.28 -4.39 -15.31
C3 GOL G . 14.38 -3.06 -15.40
O3 GOL G . 13.83 -2.05 -16.24
S DMS H . -13.16 -2.94 -12.88
O DMS H . -13.43 -3.70 -11.61
C1 DMS H . -14.24 -1.53 -12.85
C2 DMS H . -11.67 -2.05 -12.69
S SO4 I . 23.36 6.35 -4.01
O1 SO4 I . 23.20 5.42 -5.12
O2 SO4 I . 23.41 5.70 -2.62
O3 SO4 I . 22.23 7.25 -4.05
O4 SO4 I . 24.61 7.12 -4.20
#